data_2OYS
#
_entry.id   2OYS
#
_cell.length_a   76.707
_cell.length_b   102.792
_cell.length_c   62.158
_cell.angle_alpha   90.00
_cell.angle_beta   90.00
_cell.angle_gamma   90.00
#
_symmetry.space_group_name_H-M   'P 21 21 2'
#
loop_
_entity.id
_entity.type
_entity.pdbx_description
1 polymer 'Hypothetical protein SP1951'
2 non-polymer 'FLAVIN MONONUCLEOTIDE'
3 non-polymer 1,2-ETHANEDIOL
4 water water
#
_entity_poly.entity_id   1
_entity_poly.type   'polypeptide(L)'
_entity_poly.pdbx_seq_one_letter_code
;(MSE)NKIFIYAGVRNHNSKTLEYTKRLSSIISSRNNVDISFRTPFNSELEISNSDSEELFKKGIDRQSNADDGGVIKKE
LLESDIIIISSPVYLQNVSVDTKNFIERIGGWSHLFRLAGKFVVTLDVAESNGSDNVSEYLRDIFSY(MSE)GGQILHQV
SITNSLKDIAEAQL(MSE)EATYKIEDVLEGKIKYKTTDYQERAYQTLKLILENYDSEHFEK(MSE)YWEKKRLFEANSL
EEWYYVENIKLEHHHHHH
;
_entity_poly.pdbx_strand_id   A,B
#
loop_
_chem_comp.id
_chem_comp.type
_chem_comp.name
_chem_comp.formula
EDO non-polymer 1,2-ETHANEDIOL 'C2 H6 O2'
FMN non-polymer 'FLAVIN MONONUCLEOTIDE' 'C17 H21 N4 O9 P'
#
# COMPACT_ATOMS: atom_id res chain seq x y z
N ASN A 2 -26.38 2.52 17.18
CA ASN A 2 -25.36 1.47 17.45
C ASN A 2 -23.95 2.08 17.48
N LYS A 3 -22.95 1.20 17.58
CA LYS A 3 -21.57 1.65 17.63
C LYS A 3 -20.93 1.70 16.25
N ILE A 4 -20.35 2.84 15.91
CA ILE A 4 -19.71 3.03 14.62
C ILE A 4 -18.24 3.40 14.82
N PHE A 5 -17.36 2.57 14.27
CA PHE A 5 -15.92 2.84 14.37
C PHE A 5 -15.47 3.44 13.04
N ILE A 6 -14.75 4.55 13.13
CA ILE A 6 -14.25 5.24 11.96
C ILE A 6 -12.74 5.48 12.05
N TYR A 7 -12.02 5.21 10.98
CA TYR A 7 -10.59 5.47 10.95
C TYR A 7 -10.21 6.07 9.62
N ALA A 8 -9.51 7.20 9.68
CA ALA A 8 -9.08 7.88 8.46
C ALA A 8 -7.55 7.80 8.45
N GLY A 9 -7.01 7.10 7.47
CA GLY A 9 -5.56 6.94 7.37
C GLY A 9 -4.88 8.05 6.60
N VAL A 10 -4.63 9.15 7.30
CA VAL A 10 -3.99 10.29 6.67
C VAL A 10 -3.32 11.18 7.73
N ARG A 11 -2.18 11.74 7.36
CA ARG A 11 -1.36 12.59 8.22
C ARG A 11 -1.25 14.01 7.71
N ASN A 12 -1.85 14.26 6.55
CA ASN A 12 -1.82 15.58 5.95
C ASN A 12 -2.79 16.47 6.70
N HIS A 13 -2.28 17.54 7.29
CA HIS A 13 -3.09 18.48 8.05
C HIS A 13 -4.22 19.08 7.21
N ASN A 14 -3.96 19.25 5.92
CA ASN A 14 -4.97 19.84 5.03
C ASN A 14 -5.71 18.79 4.21
N SER A 15 -5.65 17.54 4.65
CA SER A 15 -6.29 16.43 3.95
C SER A 15 -7.77 16.61 3.62
N LYS A 16 -8.11 16.39 2.35
CA LYS A 16 -9.49 16.47 1.91
C LYS A 16 -10.17 15.17 2.36
N THR A 17 -9.39 14.10 2.45
CA THR A 17 -9.94 12.79 2.90
C THR A 17 -10.46 12.95 4.33
N LEU A 18 -9.67 13.62 5.16
CA LEU A 18 -10.07 13.83 6.55
C LEU A 18 -11.34 14.68 6.57
N GLU A 19 -11.34 15.74 5.76
CA GLU A 19 -12.49 16.65 5.69
C GLU A 19 -13.78 15.92 5.31
N TYR A 20 -13.71 15.10 4.27
CA TYR A 20 -14.89 14.35 3.83
C TYR A 20 -15.30 13.30 4.86
N THR A 21 -14.32 12.70 5.51
CA THR A 21 -14.61 11.69 6.52
C THR A 21 -15.31 12.37 7.69
N LYS A 22 -14.83 13.54 8.08
CA LYS A 22 -15.46 14.27 9.18
C LYS A 22 -16.88 14.67 8.78
N ARG A 23 -17.04 15.07 7.52
CA ARG A 23 -18.35 15.46 7.00
C ARG A 23 -19.31 14.27 7.10
N LEU A 24 -18.82 13.09 6.73
CA LEU A 24 -19.65 11.88 6.78
C LEU A 24 -20.11 11.59 8.21
N SER A 25 -19.17 11.69 9.14
CA SER A 25 -19.46 11.45 10.55
C SER A 25 -20.52 12.45 11.04
N SER A 26 -20.35 13.72 10.67
CA SER A 26 -21.28 14.77 11.08
C SER A 26 -22.71 14.51 10.55
N ILE A 27 -22.80 14.06 9.29
CA ILE A 27 -24.12 13.78 8.70
C ILE A 27 -24.82 12.64 9.43
N ILE A 28 -24.07 11.57 9.70
CA ILE A 28 -24.61 10.43 10.40
C ILE A 28 -25.16 10.83 11.77
N SER A 29 -24.31 11.46 12.58
CA SER A 29 -24.71 11.87 13.94
C SER A 29 -25.79 12.94 13.98
N SER A 30 -25.95 13.68 12.88
CA SER A 30 -26.94 14.74 12.82
C SER A 30 -28.32 14.14 12.50
N ARG A 31 -28.33 12.90 12.02
CA ARG A 31 -29.57 12.22 11.65
C ARG A 31 -29.86 10.99 12.50
N ASN A 32 -28.88 10.55 13.29
CA ASN A 32 -29.04 9.35 14.09
C ASN A 32 -28.39 9.44 15.47
N ASN A 33 -28.91 8.66 16.39
CA ASN A 33 -28.39 8.60 17.74
C ASN A 33 -27.43 7.41 17.76
N VAL A 34 -26.14 7.68 17.62
CA VAL A 34 -25.16 6.62 17.59
C VAL A 34 -23.91 6.96 18.38
N ASP A 35 -23.13 5.93 18.68
CA ASP A 35 -21.88 6.07 19.41
C ASP A 35 -20.75 5.90 18.39
N ILE A 36 -20.17 7.02 17.97
CA ILE A 36 -19.10 7.00 16.99
C ILE A 36 -17.73 7.17 17.63
N SER A 37 -16.77 6.34 17.21
CA SER A 37 -15.40 6.44 17.69
C SER A 37 -14.59 6.82 16.45
N PHE A 38 -14.17 8.08 16.38
CA PHE A 38 -13.41 8.63 15.25
C PHE A 38 -11.91 8.63 15.53
N ARG A 39 -11.15 7.80 14.81
CA ARG A 39 -9.71 7.72 15.02
C ARG A 39 -8.86 8.05 13.78
N THR A 40 -7.76 8.75 14.01
CA THR A 40 -6.84 9.12 12.93
C THR A 40 -5.45 9.17 13.55
N PRO A 41 -4.40 9.30 12.71
CA PRO A 41 -3.04 9.37 13.25
C PRO A 41 -2.85 10.56 14.16
N PHE A 42 -3.81 11.50 14.11
CA PHE A 42 -3.76 12.70 14.92
C PHE A 42 -4.23 12.47 16.36
N ASN A 43 -5.10 11.49 16.57
CA ASN A 43 -5.56 11.22 17.93
C ASN A 43 -5.33 9.78 18.36
N SER A 44 -4.67 9.00 17.51
CA SER A 44 -4.39 7.60 17.82
C SER A 44 -2.97 7.26 17.38
N GLU A 45 -2.24 6.58 18.24
CA GLU A 45 -0.87 6.20 17.91
C GLU A 45 -0.73 4.73 17.53
N LEU A 46 -0.40 4.50 16.27
CA LEU A 46 -0.19 3.15 15.75
C LEU A 46 1.20 3.07 15.15
N GLU A 47 2.13 2.51 15.93
CA GLU A 47 3.50 2.35 15.46
C GLU A 47 3.45 1.46 14.23
N ILE A 48 4.42 1.62 13.35
CA ILE A 48 4.46 0.82 12.13
C ILE A 48 4.65 -0.65 12.47
N SER A 49 3.81 -1.48 11.88
CA SER A 49 3.84 -2.92 12.09
C SER A 49 5.23 -3.48 11.81
N ASN A 50 5.73 -4.29 12.75
CA ASN A 50 7.06 -4.89 12.63
C ASN A 50 7.02 -6.36 13.02
N SER A 51 5.84 -6.95 13.03
CA SER A 51 5.69 -8.34 13.41
C SER A 51 6.22 -9.35 12.39
N ASP A 52 6.51 -10.56 12.86
CA ASP A 52 6.99 -11.64 12.02
C ASP A 52 5.89 -12.67 11.80
N SER A 53 5.79 -13.17 10.58
CA SER A 53 4.77 -14.14 10.22
C SER A 53 4.68 -15.31 11.21
N GLU A 54 5.83 -15.91 11.51
CA GLU A 54 5.88 -17.03 12.44
C GLU A 54 5.17 -16.74 13.76
N GLU A 55 5.64 -15.73 14.48
CA GLU A 55 5.05 -15.36 15.76
C GLU A 55 3.61 -14.88 15.68
N LEU A 56 3.31 -14.11 14.64
CA LEU A 56 1.98 -13.56 14.45
C LEU A 56 0.90 -14.61 14.15
N PHE A 57 1.15 -15.45 13.14
CA PHE A 57 0.21 -16.49 12.72
C PHE A 57 0.33 -17.85 13.40
N LYS A 58 1.55 -18.34 13.55
CA LYS A 58 1.75 -19.64 14.17
C LYS A 58 1.63 -19.62 15.69
N LYS A 59 1.96 -18.47 16.29
CA LYS A 59 1.91 -18.35 17.74
C LYS A 59 0.86 -17.36 18.24
N GLY A 60 0.31 -16.57 17.33
CA GLY A 60 -0.70 -15.59 17.69
C GLY A 60 -0.16 -14.54 18.64
N ILE A 61 1.12 -14.22 18.50
CA ILE A 61 1.75 -13.21 19.35
C ILE A 61 1.72 -11.83 18.72
N ASP A 62 1.29 -10.83 19.50
CA ASP A 62 1.23 -9.45 19.04
C ASP A 62 1.65 -8.56 20.20
N ARG A 63 2.91 -8.15 20.20
CA ARG A 63 3.44 -7.32 21.28
C ARG A 63 3.18 -5.83 21.15
N GLN A 64 2.93 -5.35 19.93
CA GLN A 64 2.71 -3.92 19.70
C GLN A 64 1.40 -3.34 20.24
N SER A 65 0.29 -4.03 20.02
CA SER A 65 -1.01 -3.54 20.44
C SER A 65 -1.10 -3.07 21.89
N ASN A 66 -0.35 -3.71 22.76
CA ASN A 66 -0.35 -3.32 24.17
C ASN A 66 0.59 -2.17 24.46
N ALA A 67 1.40 -1.81 23.47
CA ALA A 67 2.35 -0.72 23.64
C ALA A 67 1.78 0.61 23.16
N ASP A 68 0.80 0.56 22.27
CA ASP A 68 0.19 1.78 21.74
C ASP A 68 -1.33 1.68 21.69
N ASP A 69 -1.94 2.42 20.77
CA ASP A 69 -3.40 2.40 20.65
C ASP A 69 -3.92 1.23 19.84
N GLY A 70 -3.03 0.34 19.44
CA GLY A 70 -3.44 -0.82 18.68
C GLY A 70 -4.46 -1.67 19.42
N GLY A 71 -4.24 -1.84 20.71
CA GLY A 71 -5.13 -2.65 21.52
C GLY A 71 -6.56 -2.12 21.61
N VAL A 72 -6.70 -0.84 21.94
CA VAL A 72 -8.02 -0.22 22.05
C VAL A 72 -8.75 -0.20 20.71
N ILE A 73 -8.00 -0.05 19.62
CA ILE A 73 -8.59 -0.03 18.28
C ILE A 73 -9.20 -1.40 17.97
N LYS A 74 -8.48 -2.47 18.31
CA LYS A 74 -8.99 -3.80 18.05
C LYS A 74 -10.26 -4.03 18.85
N LYS A 75 -10.25 -3.59 20.10
CA LYS A 75 -11.41 -3.73 20.98
C LYS A 75 -12.61 -2.99 20.39
N GLU A 76 -12.41 -1.73 19.99
CA GLU A 76 -13.51 -0.95 19.43
C GLU A 76 -14.03 -1.55 18.12
N LEU A 77 -13.14 -2.13 17.33
CA LEU A 77 -13.53 -2.76 16.07
C LEU A 77 -14.44 -3.94 16.34
N LEU A 78 -14.04 -4.79 17.30
CA LEU A 78 -14.82 -5.97 17.66
C LEU A 78 -16.14 -5.62 18.32
N GLU A 79 -16.21 -4.44 18.93
CA GLU A 79 -17.42 -4.00 19.60
C GLU A 79 -18.34 -3.18 18.70
N SER A 80 -17.82 -2.72 17.56
CA SER A 80 -18.62 -1.91 16.64
C SER A 80 -19.60 -2.71 15.80
N ASP A 81 -20.62 -2.03 15.31
CA ASP A 81 -21.63 -2.65 14.47
C ASP A 81 -21.27 -2.31 13.04
N ILE A 82 -20.75 -1.10 12.85
CA ILE A 82 -20.35 -0.60 11.55
C ILE A 82 -18.93 -0.05 11.60
N ILE A 83 -18.16 -0.32 10.56
CA ILE A 83 -16.77 0.14 10.47
C ILE A 83 -16.61 0.98 9.22
N ILE A 84 -16.04 2.16 9.37
CA ILE A 84 -15.84 3.04 8.24
C ILE A 84 -14.34 3.25 8.11
N ILE A 85 -13.78 2.90 6.96
CA ILE A 85 -12.36 3.06 6.72
C ILE A 85 -12.21 4.00 5.53
N SER A 86 -11.46 5.08 5.72
CA SER A 86 -11.25 6.05 4.64
C SER A 86 -9.75 6.17 4.35
N SER A 87 -9.41 6.38 3.09
CA SER A 87 -8.01 6.55 2.72
C SER A 87 -7.83 7.45 1.51
N PRO A 88 -6.78 8.26 1.53
CA PRO A 88 -6.51 9.14 0.42
C PRO A 88 -5.98 8.20 -0.67
N VAL A 89 -6.00 8.62 -1.91
CA VAL A 89 -5.46 7.81 -2.98
C VAL A 89 -4.07 8.42 -3.22
N TYR A 90 -3.02 7.72 -2.79
CA TYR A 90 -1.64 8.21 -2.96
C TYR A 90 -0.88 7.24 -3.87
N LEU A 91 -0.55 7.72 -5.07
CA LEU A 91 0.15 6.89 -6.07
C LEU A 91 -0.64 5.59 -6.30
N GLN A 92 -1.90 5.76 -6.68
CA GLN A 92 -2.81 4.66 -6.97
C GLN A 92 -2.78 3.54 -5.93
N ASN A 93 -2.76 3.89 -4.66
CA ASN A 93 -2.73 2.88 -3.60
C ASN A 93 -3.19 3.51 -2.28
N VAL A 94 -3.46 2.69 -1.28
CA VAL A 94 -3.89 3.22 0.02
C VAL A 94 -2.70 3.97 0.63
N SER A 95 -3.00 4.92 1.51
CA SER A 95 -1.96 5.71 2.17
C SER A 95 -1.14 4.86 3.13
N VAL A 96 0.00 5.39 3.52
CA VAL A 96 0.88 4.73 4.47
C VAL A 96 0.12 4.33 5.73
N ASP A 97 -0.62 5.27 6.31
CA ASP A 97 -1.36 4.97 7.55
C ASP A 97 -2.48 3.96 7.36
N THR A 98 -3.11 3.97 6.19
CA THR A 98 -4.17 3.01 5.94
C THR A 98 -3.54 1.61 5.85
N LYS A 99 -2.41 1.51 5.15
CA LYS A 99 -1.73 0.22 5.02
C LYS A 99 -1.29 -0.27 6.40
N ASN A 100 -0.78 0.63 7.23
CA ASN A 100 -0.35 0.23 8.56
C ASN A 100 -1.53 -0.26 9.39
N PHE A 101 -2.65 0.46 9.31
CA PHE A 101 -3.85 0.05 10.05
C PHE A 101 -4.14 -1.40 9.67
N ILE A 102 -4.18 -1.68 8.38
CA ILE A 102 -4.45 -3.04 7.91
C ILE A 102 -3.42 -4.05 8.41
N GLU A 103 -2.13 -3.73 8.30
CA GLU A 103 -1.10 -4.66 8.77
C GLU A 103 -1.24 -4.87 10.30
N ARG A 104 -1.62 -3.83 11.04
CA ARG A 104 -1.77 -3.97 12.48
C ARG A 104 -2.89 -4.94 12.88
N ILE A 105 -3.80 -5.26 11.96
CA ILE A 105 -4.83 -6.24 12.27
C ILE A 105 -4.65 -7.45 11.34
N GLY A 106 -3.47 -7.55 10.75
CA GLY A 106 -3.16 -8.65 9.84
C GLY A 106 -3.34 -10.01 10.47
N GLY A 107 -3.18 -10.07 11.79
CA GLY A 107 -3.34 -11.32 12.50
C GLY A 107 -4.71 -11.93 12.33
N TRP A 108 -5.70 -11.09 11.96
CA TRP A 108 -7.07 -11.56 11.76
C TRP A 108 -7.31 -12.01 10.32
N SER A 109 -6.28 -11.91 9.49
CA SER A 109 -6.36 -12.30 8.09
C SER A 109 -7.11 -13.59 7.83
N HIS A 110 -6.80 -14.63 8.59
CA HIS A 110 -7.44 -15.91 8.37
C HIS A 110 -8.35 -16.35 9.51
N LEU A 111 -8.96 -15.40 10.20
CA LEU A 111 -9.83 -15.73 11.33
C LEU A 111 -11.28 -15.26 11.17
N PHE A 112 -11.55 -14.53 10.09
CA PHE A 112 -12.88 -14.00 9.84
C PHE A 112 -13.42 -13.32 11.08
N ARG A 113 -12.58 -12.53 11.74
CA ARG A 113 -13.01 -11.85 12.95
C ARG A 113 -13.98 -10.71 12.70
N LEU A 114 -14.09 -10.26 11.44
CA LEU A 114 -15.01 -9.17 11.15
C LEU A 114 -16.35 -9.71 10.68
N ALA A 115 -16.53 -11.02 10.75
CA ALA A 115 -17.79 -11.62 10.36
C ALA A 115 -18.89 -10.99 11.20
N GLY A 116 -19.96 -10.54 10.54
CA GLY A 116 -21.06 -9.93 11.26
C GLY A 116 -21.05 -8.41 11.25
N LYS A 117 -19.90 -7.83 10.94
CA LYS A 117 -19.77 -6.38 10.89
C LYS A 117 -20.03 -5.86 9.49
N PHE A 118 -20.48 -4.61 9.40
CA PHE A 118 -20.76 -3.96 8.13
C PHE A 118 -19.66 -2.93 7.89
N VAL A 119 -19.03 -3.02 6.72
CA VAL A 119 -17.94 -2.12 6.38
C VAL A 119 -18.28 -1.14 5.27
N VAL A 120 -17.92 0.11 5.51
CA VAL A 120 -18.13 1.18 4.55
C VAL A 120 -16.74 1.72 4.25
N THR A 121 -16.40 1.87 2.96
CA THR A 121 -15.10 2.39 2.58
C THR A 121 -15.23 3.72 1.83
N LEU A 122 -14.25 4.58 2.03
CA LEU A 122 -14.21 5.88 1.38
C LEU A 122 -12.78 6.16 0.94
N ASP A 123 -12.63 6.57 -0.32
CA ASP A 123 -11.31 6.95 -0.80
C ASP A 123 -11.49 8.25 -1.55
N VAL A 124 -10.48 9.12 -1.45
CA VAL A 124 -10.49 10.44 -2.08
C VAL A 124 -9.27 10.62 -2.95
N ALA A 125 -9.49 11.00 -4.20
CA ALA A 125 -8.40 11.19 -5.15
C ALA A 125 -8.59 12.45 -5.96
N GLU A 126 -7.57 12.82 -6.71
CA GLU A 126 -7.63 14.00 -7.56
C GLU A 126 -8.45 13.62 -8.80
N SER A 127 -8.09 12.52 -9.44
CA SER A 127 -8.80 12.08 -10.64
C SER A 127 -8.55 10.64 -11.10
N ASN A 128 -7.65 9.92 -10.43
CA ASN A 128 -7.35 8.54 -10.83
C ASN A 128 -6.89 7.63 -9.67
N GLY A 129 -6.92 6.32 -9.91
CA GLY A 129 -6.49 5.36 -8.89
C GLY A 129 -7.57 5.00 -7.89
N SER A 130 -8.72 5.65 -8.02
CA SER A 130 -9.84 5.41 -7.11
C SER A 130 -10.26 3.94 -7.09
N ASP A 131 -10.39 3.34 -8.27
CA ASP A 131 -10.80 1.95 -8.39
C ASP A 131 -9.83 0.97 -7.74
N ASN A 132 -8.53 1.12 -7.98
CA ASN A 132 -7.60 0.20 -7.37
C ASN A 132 -7.66 0.28 -5.86
N VAL A 133 -7.85 1.48 -5.31
CA VAL A 133 -7.93 1.61 -3.86
C VAL A 133 -9.24 1.02 -3.32
N SER A 134 -10.36 1.30 -3.95
CA SER A 134 -11.64 0.77 -3.47
C SER A 134 -11.66 -0.76 -3.56
N GLU A 135 -11.04 -1.29 -4.62
CA GLU A 135 -11.00 -2.75 -4.80
C GLU A 135 -10.12 -3.44 -3.76
N TYR A 136 -8.98 -2.83 -3.44
CA TYR A 136 -8.08 -3.39 -2.43
C TYR A 136 -8.77 -3.41 -1.06
N LEU A 137 -9.39 -2.29 -0.70
CA LEU A 137 -10.10 -2.19 0.58
C LEU A 137 -11.27 -3.17 0.64
N ARG A 138 -11.97 -3.30 -0.48
CA ARG A 138 -13.09 -4.23 -0.55
C ARG A 138 -12.61 -5.65 -0.27
N ASP A 139 -11.56 -6.06 -0.99
CA ASP A 139 -11.01 -7.40 -0.85
C ASP A 139 -10.49 -7.73 0.55
N ILE A 140 -9.74 -6.81 1.16
CA ILE A 140 -9.17 -7.02 2.48
C ILE A 140 -10.24 -7.21 3.55
N PHE A 141 -11.10 -6.21 3.70
CA PHE A 141 -12.15 -6.27 4.71
C PHE A 141 -13.19 -7.36 4.45
N SER A 142 -13.43 -7.67 3.17
CA SER A 142 -14.38 -8.71 2.83
C SER A 142 -13.76 -10.06 3.22
N TYR A 143 -12.48 -10.23 2.89
CA TYR A 143 -11.79 -11.48 3.21
C TYR A 143 -11.81 -11.71 4.73
N MSE A 144 -11.72 -10.63 5.50
CA MSE A 144 -11.74 -10.76 6.95
C MSE A 144 -13.13 -11.08 7.50
O MSE A 144 -13.32 -11.18 8.71
CB MSE A 144 -11.21 -9.47 7.60
CG MSE A 144 -9.80 -9.07 7.16
SE MSE A 144 -9.03 -7.61 8.20
CE MSE A 144 -7.16 -8.10 8.06
N GLY A 145 -14.10 -11.23 6.60
CA GLY A 145 -15.46 -11.57 7.02
C GLY A 145 -16.46 -10.42 7.09
N GLY A 146 -15.99 -9.20 6.92
CA GLY A 146 -16.90 -8.07 7.00
C GLY A 146 -17.78 -7.98 5.77
N GLN A 147 -18.99 -7.45 5.92
CA GLN A 147 -19.88 -7.30 4.78
C GLN A 147 -19.66 -5.89 4.23
N ILE A 148 -19.32 -5.78 2.95
CA ILE A 148 -19.11 -4.49 2.35
C ILE A 148 -20.48 -3.86 2.12
N LEU A 149 -20.89 -3.01 3.05
CA LEU A 149 -22.18 -2.37 2.99
C LEU A 149 -22.27 -1.34 1.87
N HIS A 150 -21.20 -0.57 1.71
CA HIS A 150 -21.17 0.47 0.69
C HIS A 150 -19.76 0.99 0.52
N GLN A 151 -19.45 1.43 -0.69
CA GLN A 151 -18.14 2.00 -0.99
C GLN A 151 -18.35 3.32 -1.73
N VAL A 152 -17.55 4.32 -1.35
CA VAL A 152 -17.64 5.65 -1.95
C VAL A 152 -16.28 6.09 -2.42
N SER A 153 -16.22 6.65 -3.63
CA SER A 153 -14.95 7.16 -4.16
C SER A 153 -15.20 8.58 -4.60
N ILE A 154 -14.55 9.53 -3.94
CA ILE A 154 -14.70 10.93 -4.28
C ILE A 154 -13.48 11.37 -5.08
N THR A 155 -13.72 12.17 -6.10
CA THR A 155 -12.65 12.68 -6.95
C THR A 155 -12.88 14.18 -7.16
N ASN A 156 -11.79 14.95 -7.26
CA ASN A 156 -11.89 16.39 -7.47
C ASN A 156 -12.60 16.62 -8.80
N SER A 157 -12.46 15.66 -9.70
CA SER A 157 -13.08 15.73 -11.02
C SER A 157 -14.59 15.81 -10.90
N LEU A 158 -15.15 15.08 -9.94
CA LEU A 158 -16.59 15.05 -9.71
C LEU A 158 -16.91 15.51 -8.28
N LYS A 159 -16.22 16.54 -7.82
CA LYS A 159 -16.45 17.05 -6.47
C LYS A 159 -17.88 17.53 -6.21
N ASP A 160 -18.57 17.96 -7.26
CA ASP A 160 -19.94 18.46 -7.07
C ASP A 160 -20.93 17.40 -6.58
N ILE A 161 -20.58 16.13 -6.68
CA ILE A 161 -21.49 15.09 -6.22
C ILE A 161 -21.06 14.52 -4.87
N ALA A 162 -19.97 15.03 -4.32
CA ALA A 162 -19.45 14.55 -3.04
C ALA A 162 -20.50 14.52 -1.94
N GLU A 163 -21.23 15.62 -1.76
CA GLU A 163 -22.26 15.66 -0.73
C GLU A 163 -23.29 14.56 -0.98
N ALA A 164 -23.75 14.43 -2.22
CA ALA A 164 -24.74 13.41 -2.54
C ALA A 164 -24.17 12.00 -2.28
N GLN A 165 -22.88 11.80 -2.57
CA GLN A 165 -22.28 10.50 -2.34
C GLN A 165 -22.25 10.16 -0.86
N LEU A 166 -21.89 11.14 -0.02
CA LEU A 166 -21.84 10.89 1.41
C LEU A 166 -23.24 10.65 1.96
N MSE A 167 -24.23 11.35 1.41
CA MSE A 167 -25.60 11.17 1.87
C MSE A 167 -26.10 9.77 1.53
O MSE A 167 -26.88 9.19 2.28
CB MSE A 167 -26.52 12.22 1.25
CG MSE A 167 -26.76 13.40 2.18
SE MSE A 167 -27.79 12.84 3.72
CE MSE A 167 -29.45 13.68 3.25
N GLU A 168 -25.64 9.23 0.41
CA GLU A 168 -26.05 7.90 0.00
C GLU A 168 -25.42 6.86 0.94
N ALA A 169 -24.19 7.11 1.37
CA ALA A 169 -23.54 6.18 2.28
C ALA A 169 -24.30 6.22 3.59
N THR A 170 -24.70 7.41 4.00
CA THR A 170 -25.43 7.57 5.24
C THR A 170 -26.75 6.78 5.18
N TYR A 171 -27.41 6.80 4.03
CA TYR A 171 -28.68 6.06 3.91
C TYR A 171 -28.47 4.57 4.15
N LYS A 172 -27.39 4.01 3.61
CA LYS A 172 -27.09 2.59 3.76
C LYS A 172 -26.83 2.27 5.22
N ILE A 173 -26.07 3.14 5.87
CA ILE A 173 -25.75 2.95 7.27
C ILE A 173 -27.03 2.96 8.11
N GLU A 174 -27.93 3.91 7.79
CA GLU A 174 -29.18 4.01 8.50
C GLU A 174 -30.03 2.74 8.39
N ASP A 175 -29.95 2.06 7.24
CA ASP A 175 -30.71 0.82 7.09
C ASP A 175 -30.20 -0.24 8.04
N VAL A 176 -28.91 -0.19 8.36
CA VAL A 176 -28.31 -1.14 9.29
C VAL A 176 -28.70 -0.79 10.71
N LEU A 177 -28.69 0.50 11.03
CA LEU A 177 -29.04 0.98 12.35
C LEU A 177 -30.51 0.68 12.65
N GLU A 178 -31.35 0.75 11.61
CA GLU A 178 -32.78 0.48 11.73
C GLU A 178 -33.07 -1.01 11.68
N GLY A 179 -32.02 -1.82 11.52
CA GLY A 179 -32.20 -3.26 11.48
C GLY A 179 -32.83 -3.78 10.20
N LYS A 180 -32.79 -2.98 9.13
CA LYS A 180 -33.36 -3.39 7.84
C LYS A 180 -32.39 -4.30 7.07
N ILE A 181 -31.10 -4.16 7.35
CA ILE A 181 -30.09 -4.98 6.69
C ILE A 181 -29.42 -5.92 7.67
N LYS A 182 -29.38 -7.22 7.32
CA LYS A 182 -28.76 -8.23 8.16
C LYS A 182 -27.53 -8.82 7.47
N TYR A 183 -26.52 -9.19 8.26
CA TYR A 183 -25.28 -9.75 7.73
C TYR A 183 -25.51 -10.96 6.82
N LYS A 184 -24.94 -10.88 5.61
CA LYS A 184 -25.06 -11.95 4.63
C LYS A 184 -23.71 -12.12 3.93
N THR A 185 -23.18 -13.33 3.93
CA THR A 185 -21.90 -13.60 3.29
C THR A 185 -22.08 -13.63 1.77
N THR A 186 -20.99 -13.36 1.04
CA THR A 186 -21.03 -13.40 -0.41
C THR A 186 -20.35 -14.68 -0.86
N ASP A 187 -20.54 -15.03 -2.14
CA ASP A 187 -19.94 -16.25 -2.70
C ASP A 187 -18.41 -16.19 -2.59
N TYR A 188 -17.86 -15.00 -2.79
CA TYR A 188 -16.41 -14.79 -2.71
C TYR A 188 -15.91 -15.18 -1.33
N GLN A 189 -16.67 -14.81 -0.31
CA GLN A 189 -16.34 -15.11 1.08
C GLN A 189 -16.51 -16.57 1.40
N GLU A 190 -17.57 -17.19 0.89
CA GLU A 190 -17.81 -18.60 1.16
C GLU A 190 -16.71 -19.44 0.51
N ARG A 191 -16.26 -19.06 -0.69
CA ARG A 191 -15.19 -19.79 -1.35
C ARG A 191 -13.89 -19.62 -0.58
N ALA A 192 -13.65 -18.40 -0.10
CA ALA A 192 -12.43 -18.12 0.66
C ALA A 192 -12.41 -18.96 1.94
N TYR A 193 -13.59 -19.15 2.52
CA TYR A 193 -13.78 -19.93 3.74
C TYR A 193 -13.42 -21.39 3.48
N GLN A 194 -14.06 -21.99 2.48
CA GLN A 194 -13.79 -23.38 2.14
C GLN A 194 -12.32 -23.57 1.80
N THR A 195 -11.73 -22.59 1.11
CA THR A 195 -10.32 -22.68 0.72
C THR A 195 -9.38 -22.68 1.93
N LEU A 196 -9.62 -21.76 2.87
CA LEU A 196 -8.80 -21.67 4.07
C LEU A 196 -8.94 -22.89 4.96
N LYS A 197 -10.16 -23.42 5.07
CA LYS A 197 -10.38 -24.59 5.92
C LYS A 197 -9.50 -25.75 5.47
N LEU A 198 -9.45 -25.98 4.16
CA LEU A 198 -8.64 -27.07 3.62
C LEU A 198 -7.17 -26.91 3.98
N ILE A 199 -6.69 -25.67 3.99
CA ILE A 199 -5.29 -25.42 4.33
C ILE A 199 -5.03 -25.59 5.81
N LEU A 200 -5.85 -24.93 6.63
CA LEU A 200 -5.69 -25.01 8.08
C LEU A 200 -5.95 -26.40 8.66
N GLU A 201 -6.60 -27.26 7.88
CA GLU A 201 -6.89 -28.61 8.34
C GLU A 201 -5.62 -29.46 8.43
N ASN A 202 -4.64 -29.16 7.58
CA ASN A 202 -3.39 -29.91 7.58
C ASN A 202 -2.29 -29.27 8.42
N TYR A 203 -2.61 -28.15 9.05
CA TYR A 203 -1.66 -27.44 9.89
C TYR A 203 -1.40 -28.19 11.19
N ASP A 204 -0.26 -27.92 11.80
CA ASP A 204 0.13 -28.54 13.07
C ASP A 204 -0.93 -28.26 14.11
N SER A 205 -1.16 -29.21 15.01
CA SER A 205 -2.15 -29.08 16.07
C SER A 205 -1.83 -27.93 17.04
N GLU A 206 -0.57 -27.52 17.06
CA GLU A 206 -0.16 -26.44 17.94
C GLU A 206 -0.24 -25.07 17.25
N HIS A 207 -0.51 -25.08 15.95
CA HIS A 207 -0.61 -23.83 15.21
C HIS A 207 -1.75 -22.97 15.73
N PHE A 208 -1.43 -21.76 16.16
CA PHE A 208 -2.41 -20.83 16.70
C PHE A 208 -3.69 -20.66 15.89
N GLU A 209 -3.56 -20.49 14.58
CA GLU A 209 -4.74 -20.31 13.75
C GLU A 209 -5.62 -21.56 13.77
N LYS A 210 -5.00 -22.73 13.66
CA LYS A 210 -5.75 -23.98 13.68
C LYS A 210 -6.48 -24.15 15.02
N MSE A 211 -5.80 -23.80 16.11
CA MSE A 211 -6.40 -23.92 17.44
C MSE A 211 -7.54 -22.92 17.58
O MSE A 211 -8.54 -23.20 18.26
CB MSE A 211 -5.36 -23.66 18.54
CG MSE A 211 -4.18 -24.61 18.55
SE MSE A 211 -3.03 -24.34 20.11
CE MSE A 211 -2.24 -22.65 19.62
N TYR A 212 -7.40 -21.76 16.95
CA TYR A 212 -8.44 -20.74 17.00
C TYR A 212 -9.67 -21.27 16.26
N TRP A 213 -9.44 -21.82 15.08
CA TRP A 213 -10.55 -22.37 14.29
C TRP A 213 -11.26 -23.50 15.03
N GLU A 214 -10.50 -24.34 15.72
CA GLU A 214 -11.09 -25.43 16.46
C GLU A 214 -11.87 -24.89 17.66
N LYS A 215 -11.26 -23.95 18.37
CA LYS A 215 -11.89 -23.34 19.54
C LYS A 215 -13.16 -22.57 19.20
N LYS A 216 -13.19 -21.99 18.00
CA LYS A 216 -14.34 -21.22 17.56
C LYS A 216 -15.30 -22.08 16.74
N ARG A 217 -14.95 -23.35 16.58
CA ARG A 217 -15.76 -24.30 15.83
C ARG A 217 -15.94 -23.88 14.37
N LEU A 218 -14.90 -23.29 13.79
CA LEU A 218 -14.95 -22.87 12.38
C LEU A 218 -14.85 -24.09 11.47
N PHE A 219 -14.24 -25.16 11.99
CA PHE A 219 -14.11 -26.38 11.19
C PHE A 219 -15.44 -27.13 11.10
N GLU A 220 -16.17 -27.19 12.20
CA GLU A 220 -17.45 -27.90 12.21
C GLU A 220 -18.59 -27.02 11.71
N ALA A 221 -18.48 -26.54 10.48
CA ALA A 221 -19.52 -25.71 9.90
C ALA A 221 -19.56 -25.96 8.39
N ASN A 222 -20.76 -25.92 7.81
CA ASN A 222 -20.92 -26.16 6.38
C ASN A 222 -20.59 -24.91 5.57
N SER A 223 -20.73 -23.74 6.18
CA SER A 223 -20.44 -22.48 5.50
C SER A 223 -20.08 -21.40 6.50
N LEU A 224 -19.60 -20.27 5.99
CA LEU A 224 -19.22 -19.16 6.85
C LEU A 224 -20.48 -18.52 7.46
N GLU A 225 -21.51 -18.31 6.66
CA GLU A 225 -22.74 -17.70 7.16
C GLU A 225 -23.37 -18.56 8.25
N GLU A 226 -23.39 -19.87 8.02
CA GLU A 226 -23.96 -20.81 8.97
C GLU A 226 -23.20 -20.73 10.27
N TRP A 227 -21.87 -20.73 10.16
CA TRP A 227 -21.01 -20.64 11.33
C TRP A 227 -21.36 -19.43 12.17
N TYR A 228 -21.55 -18.30 11.51
CA TYR A 228 -21.87 -17.05 12.20
C TYR A 228 -23.21 -17.08 12.92
N TYR A 229 -24.24 -17.57 12.25
CA TYR A 229 -25.57 -17.62 12.83
C TYR A 229 -25.83 -18.81 13.76
N VAL A 230 -25.03 -19.86 13.63
CA VAL A 230 -25.19 -21.03 14.46
C VAL A 230 -24.23 -21.02 15.64
N GLU A 231 -23.13 -20.28 15.50
CA GLU A 231 -22.13 -20.16 16.57
C GLU A 231 -21.95 -18.70 16.97
N ASN B 2 29.96 0.80 -10.73
CA ASN B 2 28.90 1.85 -10.78
C ASN B 2 28.13 1.92 -9.47
N LYS B 3 27.32 2.95 -9.34
CA LYS B 3 26.53 3.17 -8.14
C LYS B 3 25.21 2.42 -8.17
N ILE B 4 24.95 1.70 -7.09
CA ILE B 4 23.72 0.93 -6.95
C ILE B 4 23.03 1.30 -5.64
N PHE B 5 21.79 1.77 -5.75
CA PHE B 5 21.03 2.14 -4.57
C PHE B 5 20.05 1.02 -4.24
N ILE B 6 20.00 0.63 -2.98
CA ILE B 6 19.10 -0.43 -2.56
C ILE B 6 18.30 0.00 -1.35
N TYR B 7 17.02 -0.31 -1.37
CA TYR B 7 16.14 0.00 -0.25
C TYR B 7 15.20 -1.18 -0.02
N ALA B 8 15.20 -1.68 1.21
CA ALA B 8 14.33 -2.78 1.58
C ALA B 8 13.32 -2.20 2.55
N GLY B 9 12.04 -2.21 2.19
CA GLY B 9 11.02 -1.66 3.06
C GLY B 9 10.50 -2.70 4.02
N VAL B 10 11.25 -2.95 5.09
CA VAL B 10 10.84 -3.94 6.06
C VAL B 10 11.37 -3.56 7.44
N ARG B 11 10.54 -3.78 8.45
CA ARG B 11 10.85 -3.42 9.82
C ARG B 11 10.91 -4.64 10.74
N ASN B 12 10.70 -5.81 10.16
CA ASN B 12 10.73 -7.07 10.92
C ASN B 12 12.16 -7.59 11.02
N HIS B 13 12.67 -7.65 12.24
CA HIS B 13 14.03 -8.12 12.49
C HIS B 13 14.35 -9.46 11.82
N ASN B 14 13.40 -10.37 11.80
CA ASN B 14 13.66 -11.68 11.19
C ASN B 14 13.16 -11.76 9.74
N SER B 15 13.06 -10.61 9.08
CA SER B 15 12.58 -10.54 7.70
C SER B 15 13.32 -11.37 6.67
N LYS B 16 12.57 -12.19 5.94
CA LYS B 16 13.17 -12.99 4.89
C LYS B 16 13.46 -12.05 3.72
N THR B 17 12.64 -11.01 3.57
CA THR B 17 12.85 -10.03 2.50
C THR B 17 14.22 -9.41 2.67
N LEU B 18 14.54 -8.99 3.89
CA LEU B 18 15.82 -8.37 4.19
C LEU B 18 16.96 -9.33 3.90
N GLU B 19 16.78 -10.58 4.33
CA GLU B 19 17.78 -11.62 4.14
C GLU B 19 18.03 -11.85 2.66
N TYR B 20 16.97 -12.02 1.87
CA TYR B 20 17.13 -12.24 0.44
C TYR B 20 17.75 -11.04 -0.26
N THR B 21 17.44 -9.84 0.22
CA THR B 21 17.98 -8.63 -0.38
C THR B 21 19.47 -8.51 -0.05
N LYS B 22 19.86 -8.91 1.16
CA LYS B 22 21.26 -8.87 1.56
C LYS B 22 22.06 -9.87 0.74
N ARG B 23 21.42 -11.00 0.43
CA ARG B 23 22.04 -12.06 -0.35
C ARG B 23 22.31 -11.55 -1.77
N LEU B 24 21.32 -10.88 -2.36
CA LEU B 24 21.48 -10.33 -3.70
C LEU B 24 22.62 -9.32 -3.71
N SER B 25 22.70 -8.51 -2.66
CA SER B 25 23.74 -7.51 -2.57
C SER B 25 25.14 -8.15 -2.51
N SER B 26 25.27 -9.21 -1.72
CA SER B 26 26.54 -9.91 -1.59
C SER B 26 26.95 -10.56 -2.90
N ILE B 27 25.99 -11.20 -3.57
CA ILE B 27 26.26 -11.85 -4.83
C ILE B 27 26.84 -10.83 -5.81
N ILE B 28 26.17 -9.69 -5.94
CA ILE B 28 26.61 -8.66 -6.85
C ILE B 28 28.02 -8.16 -6.53
N SER B 29 28.26 -7.79 -5.29
CA SER B 29 29.57 -7.28 -4.89
C SER B 29 30.67 -8.33 -4.93
N SER B 30 30.30 -9.61 -4.95
CA SER B 30 31.30 -10.66 -4.97
C SER B 30 31.78 -10.92 -6.39
N ARG B 31 31.01 -10.43 -7.36
CA ARG B 31 31.35 -10.63 -8.76
C ARG B 31 31.64 -9.31 -9.47
N ASN B 32 31.41 -8.19 -8.79
CA ASN B 32 31.63 -6.90 -9.41
C ASN B 32 32.14 -5.83 -8.45
N ASN B 33 32.79 -4.82 -9.02
CA ASN B 33 33.31 -3.71 -8.25
C ASN B 33 32.26 -2.60 -8.37
N VAL B 34 31.41 -2.48 -7.37
CA VAL B 34 30.36 -1.49 -7.39
C VAL B 34 30.25 -0.73 -6.08
N ASP B 35 29.61 0.42 -6.15
CA ASP B 35 29.40 1.28 -4.99
C ASP B 35 27.94 1.10 -4.58
N ILE B 36 27.71 0.25 -3.58
CA ILE B 36 26.36 -0.03 -3.10
C ILE B 36 25.96 0.77 -1.87
N SER B 37 24.75 1.30 -1.90
CA SER B 37 24.20 2.04 -0.77
C SER B 37 22.95 1.28 -0.35
N PHE B 38 23.05 0.55 0.74
CA PHE B 38 21.95 -0.27 1.25
C PHE B 38 21.23 0.41 2.41
N ARG B 39 20.01 0.89 2.17
CA ARG B 39 19.22 1.55 3.20
C ARG B 39 17.94 0.79 3.55
N THR B 40 17.56 0.89 4.82
CA THR B 40 16.37 0.23 5.37
C THR B 40 15.94 1.05 6.58
N PRO B 41 14.73 0.77 7.12
CA PRO B 41 14.25 1.51 8.29
C PRO B 41 15.20 1.35 9.48
N PHE B 42 16.07 0.34 9.41
CA PHE B 42 17.02 0.07 10.49
C PHE B 42 18.22 1.03 10.49
N ASN B 43 18.58 1.54 9.31
CA ASN B 43 19.73 2.44 9.23
C ASN B 43 19.38 3.79 8.62
N SER B 44 18.11 3.96 8.25
CA SER B 44 17.67 5.22 7.66
C SER B 44 16.38 5.66 8.32
N GLU B 45 16.21 6.98 8.43
CA GLU B 45 15.03 7.54 9.05
C GLU B 45 14.15 8.28 8.07
N LEU B 46 12.97 7.71 7.81
CA LEU B 46 12.02 8.31 6.89
C LEU B 46 10.68 8.43 7.58
N GLU B 47 10.38 9.64 8.06
CA GLU B 47 9.12 9.90 8.72
C GLU B 47 7.99 9.62 7.74
N ILE B 48 6.85 9.16 8.26
CA ILE B 48 5.70 8.88 7.39
C ILE B 48 5.31 10.15 6.64
N SER B 49 5.16 10.04 5.33
CA SER B 49 4.81 11.17 4.46
C SER B 49 3.54 11.86 4.93
N ASN B 50 3.57 13.19 4.95
CA ASN B 50 2.40 13.97 5.39
C ASN B 50 2.16 15.13 4.44
N SER B 51 2.73 15.06 3.24
CA SER B 51 2.59 16.13 2.27
C SER B 51 1.19 16.39 1.72
N ASP B 52 0.97 17.62 1.29
CA ASP B 52 -0.29 18.03 0.71
C ASP B 52 -0.12 18.22 -0.80
N SER B 53 -1.04 17.66 -1.57
CA SER B 53 -1.01 17.73 -3.02
C SER B 53 -0.71 19.14 -3.56
N GLU B 54 -1.45 20.12 -3.08
CA GLU B 54 -1.29 21.51 -3.49
C GLU B 54 0.15 21.98 -3.37
N GLU B 55 0.70 21.91 -2.16
CA GLU B 55 2.07 22.33 -1.91
C GLU B 55 3.10 21.48 -2.65
N LEU B 56 2.90 20.17 -2.64
CA LEU B 56 3.83 19.25 -3.28
C LEU B 56 3.94 19.43 -4.79
N PHE B 57 2.81 19.31 -5.50
CA PHE B 57 2.80 19.44 -6.95
C PHE B 57 2.70 20.85 -7.52
N LYS B 58 1.81 21.66 -6.97
CA LYS B 58 1.63 23.03 -7.47
C LYS B 58 2.76 23.98 -7.03
N LYS B 59 3.31 23.75 -5.84
CA LYS B 59 4.37 24.63 -5.36
C LYS B 59 5.72 23.94 -5.24
N GLY B 60 5.72 22.61 -5.36
CA GLY B 60 6.97 21.88 -5.26
C GLY B 60 7.57 21.96 -3.87
N ILE B 61 6.73 22.13 -2.85
CA ILE B 61 7.20 22.21 -1.48
C ILE B 61 7.30 20.85 -0.80
N ASP B 62 8.48 20.56 -0.24
CA ASP B 62 8.73 19.31 0.48
C ASP B 62 9.38 19.66 1.82
N ARG B 63 8.59 19.67 2.88
CA ARG B 63 9.11 20.03 4.20
C ARG B 63 9.67 18.88 5.03
N GLN B 64 9.74 17.68 4.48
CA GLN B 64 10.26 16.53 5.24
C GLN B 64 11.67 16.05 4.86
N SER B 65 11.97 16.03 3.57
CA SER B 65 13.28 15.56 3.08
C SER B 65 14.51 16.10 3.80
N ASN B 66 14.53 17.41 4.03
CA ASN B 66 15.65 18.05 4.71
C ASN B 66 15.57 17.88 6.22
N ALA B 67 14.47 17.29 6.70
CA ALA B 67 14.28 17.10 8.12
C ALA B 67 14.75 15.73 8.59
N ASP B 68 14.89 14.81 7.64
CA ASP B 68 15.35 13.47 7.98
C ASP B 68 16.26 12.91 6.89
N ASP B 69 16.22 11.61 6.68
CA ASP B 69 17.08 10.98 5.68
C ASP B 69 16.50 11.00 4.27
N GLY B 70 15.33 11.61 4.11
CA GLY B 70 14.70 11.69 2.81
C GLY B 70 15.55 12.43 1.78
N GLY B 71 16.25 13.46 2.24
CA GLY B 71 17.08 14.25 1.33
C GLY B 71 18.26 13.46 0.78
N VAL B 72 18.99 12.78 1.65
CA VAL B 72 20.13 12.00 1.23
C VAL B 72 19.69 10.84 0.34
N ILE B 73 18.53 10.26 0.64
CA ILE B 73 18.01 9.14 -0.16
C ILE B 73 17.71 9.59 -1.59
N LYS B 74 17.14 10.78 -1.73
CA LYS B 74 16.82 11.31 -3.05
C LYS B 74 18.10 11.55 -3.86
N LYS B 75 19.12 12.06 -3.18
CA LYS B 75 20.41 12.34 -3.81
C LYS B 75 21.05 11.05 -4.31
N GLU B 76 21.02 10.01 -3.49
CA GLU B 76 21.62 8.74 -3.87
C GLU B 76 20.84 8.13 -5.03
N LEU B 77 19.53 8.34 -5.05
CA LEU B 77 18.71 7.82 -6.14
C LEU B 77 19.10 8.49 -7.45
N LEU B 78 19.24 9.81 -7.42
CA LEU B 78 19.59 10.55 -8.63
C LEU B 78 21.03 10.28 -9.07
N GLU B 79 21.89 9.93 -8.13
CA GLU B 79 23.27 9.65 -8.45
C GLU B 79 23.52 8.18 -8.82
N SER B 80 22.58 7.30 -8.50
CA SER B 80 22.74 5.88 -8.79
C SER B 80 22.48 5.48 -10.24
N ASP B 81 23.09 4.37 -10.65
CA ASP B 81 22.89 3.87 -12.00
C ASP B 81 21.78 2.83 -12.00
N ILE B 82 21.78 2.00 -10.97
CA ILE B 82 20.81 0.93 -10.79
C ILE B 82 20.13 1.07 -9.43
N ILE B 83 18.81 0.88 -9.42
CA ILE B 83 18.02 0.98 -8.20
C ILE B 83 17.35 -0.37 -7.91
N ILE B 84 17.48 -0.83 -6.67
CA ILE B 84 16.88 -2.10 -6.26
C ILE B 84 15.91 -1.83 -5.12
N ILE B 85 14.65 -2.16 -5.34
CA ILE B 85 13.62 -1.93 -4.33
C ILE B 85 13.02 -3.28 -3.99
N SER B 86 13.01 -3.60 -2.70
CA SER B 86 12.47 -4.88 -2.25
C SER B 86 11.39 -4.65 -1.21
N SER B 87 10.40 -5.53 -1.21
CA SER B 87 9.32 -5.41 -0.25
C SER B 87 8.70 -6.73 0.13
N PRO B 88 8.28 -6.84 1.39
CA PRO B 88 7.63 -8.06 1.85
C PRO B 88 6.25 -7.96 1.21
N VAL B 89 5.56 -9.08 1.08
CA VAL B 89 4.20 -9.07 0.56
C VAL B 89 3.34 -9.16 1.81
N TYR B 90 2.74 -8.05 2.22
CA TYR B 90 1.89 -8.00 3.42
C TYR B 90 0.45 -7.69 3.01
N LEU B 91 -0.44 -8.69 3.15
CA LEU B 91 -1.85 -8.57 2.76
C LEU B 91 -1.96 -8.10 1.30
N GLN B 92 -1.34 -8.88 0.42
CA GLN B 92 -1.36 -8.64 -1.03
C GLN B 92 -1.02 -7.21 -1.44
N ASN B 93 -0.08 -6.59 -0.74
CA ASN B 93 0.30 -5.22 -1.05
C ASN B 93 1.71 -4.98 -0.54
N VAL B 94 2.31 -3.87 -0.96
CA VAL B 94 3.65 -3.54 -0.50
C VAL B 94 3.54 -3.25 0.98
N SER B 95 4.68 -3.33 1.67
CA SER B 95 4.75 -3.07 3.11
C SER B 95 4.55 -1.60 3.43
N VAL B 96 4.30 -1.30 4.70
CA VAL B 96 4.12 0.08 5.12
C VAL B 96 5.32 0.93 4.72
N ASP B 97 6.53 0.44 5.02
CA ASP B 97 7.75 1.18 4.69
C ASP B 97 8.00 1.33 3.19
N THR B 98 7.60 0.34 2.40
CA THR B 98 7.78 0.44 0.96
C THR B 98 6.84 1.54 0.44
N LYS B 99 5.61 1.54 0.96
CA LYS B 99 4.63 2.55 0.55
C LYS B 99 5.12 3.94 0.93
N ASN B 100 5.71 4.08 2.11
CA ASN B 100 6.19 5.38 2.55
C ASN B 100 7.36 5.86 1.69
N PHE B 101 8.24 4.94 1.33
CA PHE B 101 9.39 5.29 0.50
C PHE B 101 8.85 5.92 -0.78
N ILE B 102 7.88 5.24 -1.39
CA ILE B 102 7.25 5.68 -2.62
C ILE B 102 6.54 7.03 -2.48
N GLU B 103 5.83 7.23 -1.38
CA GLU B 103 5.14 8.51 -1.15
C GLU B 103 6.15 9.63 -0.89
N ARG B 104 7.25 9.31 -0.21
CA ARG B 104 8.26 10.33 0.07
C ARG B 104 8.92 10.84 -1.21
N ILE B 105 8.78 10.12 -2.32
CA ILE B 105 9.33 10.60 -3.57
C ILE B 105 8.16 10.86 -4.52
N GLY B 106 6.98 11.01 -3.93
CA GLY B 106 5.78 11.27 -4.70
C GLY B 106 5.89 12.55 -5.51
N GLY B 107 6.72 13.47 -5.06
CA GLY B 107 6.89 14.72 -5.77
C GLY B 107 7.46 14.54 -7.17
N TRP B 108 8.09 13.39 -7.42
CA TRP B 108 8.65 13.12 -8.73
C TRP B 108 7.69 12.36 -9.64
N SER B 109 6.48 12.12 -9.14
CA SER B 109 5.46 11.40 -9.88
C SER B 109 5.34 11.76 -11.37
N HIS B 110 5.24 13.05 -11.67
CA HIS B 110 5.08 13.47 -13.06
C HIS B 110 6.30 14.20 -13.61
N LEU B 111 7.48 13.90 -13.10
CA LEU B 111 8.68 14.58 -13.57
C LEU B 111 9.66 13.68 -14.34
N PHE B 112 9.40 12.38 -14.36
CA PHE B 112 10.27 11.43 -15.04
C PHE B 112 11.72 11.58 -14.58
N ARG B 113 11.91 11.83 -13.29
CA ARG B 113 13.26 12.00 -12.75
C ARG B 113 14.09 10.73 -12.72
N LEU B 114 13.44 9.57 -12.85
CA LEU B 114 14.17 8.30 -12.85
C LEU B 114 14.49 7.83 -14.26
N ALA B 115 14.26 8.71 -15.25
CA ALA B 115 14.55 8.36 -16.63
C ALA B 115 16.05 8.10 -16.76
N GLY B 116 16.40 6.98 -17.38
CA GLY B 116 17.81 6.65 -17.54
C GLY B 116 18.30 5.64 -16.51
N LYS B 117 17.56 5.47 -15.43
CA LYS B 117 17.94 4.53 -14.37
C LYS B 117 17.35 3.15 -14.64
N PHE B 118 18.01 2.11 -14.12
CA PHE B 118 17.54 0.76 -14.28
C PHE B 118 17.01 0.28 -12.94
N VAL B 119 15.75 -0.15 -12.92
CA VAL B 119 15.14 -0.62 -11.69
C VAL B 119 14.96 -2.12 -11.63
N VAL B 120 15.26 -2.66 -10.46
CA VAL B 120 15.11 -4.08 -10.22
C VAL B 120 14.21 -4.21 -9.00
N THR B 121 13.16 -5.01 -9.09
CA THR B 121 12.31 -5.16 -7.92
C THR B 121 12.35 -6.58 -7.39
N LEU B 122 12.13 -6.69 -6.07
CA LEU B 122 12.13 -7.96 -5.39
C LEU B 122 11.02 -7.95 -4.34
N ASP B 123 10.14 -8.94 -4.41
CA ASP B 123 9.10 -9.05 -3.41
C ASP B 123 9.16 -10.48 -2.88
N VAL B 124 8.90 -10.64 -1.58
CA VAL B 124 8.95 -11.94 -0.94
C VAL B 124 7.65 -12.22 -0.21
N ALA B 125 7.05 -13.37 -0.51
CA ALA B 125 5.78 -13.76 0.08
C ALA B 125 5.80 -15.21 0.54
N GLU B 126 4.79 -15.58 1.33
CA GLU B 126 4.67 -16.94 1.81
C GLU B 126 4.21 -17.81 0.64
N SER B 127 3.13 -17.40 -0.03
CA SER B 127 2.58 -18.16 -1.16
C SER B 127 1.70 -17.39 -2.15
N ASN B 128 1.23 -16.20 -1.75
CA ASN B 128 0.35 -15.42 -2.63
C ASN B 128 0.50 -13.89 -2.51
N GLY B 129 -0.08 -13.15 -3.47
CA GLY B 129 -0.01 -11.70 -3.46
C GLY B 129 1.21 -11.15 -4.16
N SER B 130 2.07 -12.06 -4.63
CA SER B 130 3.30 -11.68 -5.31
C SER B 130 3.06 -10.83 -6.56
N ASP B 131 2.14 -11.29 -7.41
CA ASP B 131 1.82 -10.60 -8.65
C ASP B 131 1.27 -9.19 -8.45
N ASN B 132 0.41 -9.00 -7.45
CA ASN B 132 -0.11 -7.65 -7.22
C ASN B 132 1.00 -6.70 -6.78
N VAL B 133 1.93 -7.19 -5.96
CA VAL B 133 3.04 -6.35 -5.51
C VAL B 133 4.03 -6.03 -6.64
N SER B 134 4.44 -7.04 -7.40
CA SER B 134 5.39 -6.82 -8.49
C SER B 134 4.79 -5.90 -9.54
N GLU B 135 3.50 -6.07 -9.83
CA GLU B 135 2.82 -5.24 -10.82
C GLU B 135 2.73 -3.79 -10.35
N TYR B 136 2.52 -3.59 -9.05
CA TYR B 136 2.43 -2.22 -8.51
C TYR B 136 3.79 -1.53 -8.58
N LEU B 137 4.83 -2.23 -8.15
CA LEU B 137 6.17 -1.65 -8.18
C LEU B 137 6.55 -1.33 -9.61
N ARG B 138 6.28 -2.28 -10.51
CA ARG B 138 6.57 -2.08 -11.92
C ARG B 138 5.92 -0.79 -12.41
N ASP B 139 4.62 -0.65 -12.19
CA ASP B 139 3.91 0.55 -12.66
C ASP B 139 4.41 1.87 -12.09
N ILE B 140 4.63 1.90 -10.78
CA ILE B 140 5.10 3.12 -10.12
C ILE B 140 6.47 3.58 -10.64
N PHE B 141 7.47 2.72 -10.49
CA PHE B 141 8.82 3.07 -10.92
C PHE B 141 8.95 3.29 -12.42
N SER B 142 8.14 2.57 -13.18
CA SER B 142 8.17 2.75 -14.63
C SER B 142 7.59 4.12 -14.97
N TYR B 143 6.45 4.43 -14.36
CA TYR B 143 5.80 5.70 -14.61
C TYR B 143 6.74 6.87 -14.31
N MSE B 144 7.60 6.69 -13.31
CA MSE B 144 8.57 7.71 -12.93
C MSE B 144 9.76 7.79 -13.87
O MSE B 144 10.72 8.53 -13.62
CB MSE B 144 9.07 7.47 -11.50
CG MSE B 144 7.98 7.44 -10.45
SE MSE B 144 8.67 7.42 -8.62
CE MSE B 144 7.37 8.63 -7.86
N GLY B 145 9.72 7.03 -14.97
CA GLY B 145 10.78 7.06 -15.94
C GLY B 145 11.81 5.93 -15.88
N GLY B 146 11.83 5.20 -14.77
CA GLY B 146 12.78 4.12 -14.64
C GLY B 146 12.52 2.96 -15.58
N GLN B 147 13.59 2.31 -16.03
CA GLN B 147 13.43 1.15 -16.89
C GLN B 147 13.40 -0.04 -15.95
N ILE B 148 12.37 -0.87 -16.08
CA ILE B 148 12.28 -2.05 -15.23
C ILE B 148 13.17 -3.10 -15.84
N LEU B 149 14.39 -3.18 -15.32
CA LEU B 149 15.39 -4.11 -15.79
C LEU B 149 15.05 -5.56 -15.52
N HIS B 150 14.49 -5.83 -14.34
CA HIS B 150 14.14 -7.20 -13.95
C HIS B 150 13.29 -7.20 -12.68
N GLN B 151 12.45 -8.22 -12.53
CA GLN B 151 11.62 -8.36 -11.34
C GLN B 151 11.69 -9.79 -10.81
N VAL B 152 11.81 -9.90 -9.49
CA VAL B 152 11.91 -11.21 -8.83
C VAL B 152 10.84 -11.34 -7.75
N SER B 153 10.14 -12.47 -7.75
CA SER B 153 9.12 -12.74 -6.75
C SER B 153 9.49 -14.08 -6.10
N ILE B 154 9.96 -14.03 -4.85
CA ILE B 154 10.33 -15.25 -4.15
C ILE B 154 9.18 -15.68 -3.24
N THR B 155 8.89 -16.98 -3.22
CA THR B 155 7.83 -17.48 -2.36
C THR B 155 8.33 -18.70 -1.61
N ASN B 156 7.78 -18.92 -0.43
CA ASN B 156 8.16 -20.06 0.37
C ASN B 156 7.72 -21.33 -0.37
N SER B 157 6.70 -21.20 -1.21
CA SER B 157 6.20 -22.34 -1.97
C SER B 157 7.25 -22.83 -2.97
N LEU B 158 8.07 -21.90 -3.47
CA LEU B 158 9.12 -22.23 -4.43
C LEU B 158 10.47 -21.72 -3.94
N LYS B 159 10.70 -21.79 -2.63
CA LYS B 159 11.95 -21.31 -2.06
C LYS B 159 13.20 -21.99 -2.62
N ASP B 160 13.05 -23.14 -3.26
CA ASP B 160 14.22 -23.85 -3.79
C ASP B 160 14.85 -23.18 -5.00
N ILE B 161 14.13 -22.27 -5.65
CA ILE B 161 14.69 -21.60 -6.81
C ILE B 161 15.16 -20.19 -6.47
N ALA B 162 14.97 -19.80 -5.21
CA ALA B 162 15.37 -18.47 -4.75
C ALA B 162 16.77 -18.10 -5.21
N GLU B 163 17.76 -18.93 -4.89
CA GLU B 163 19.13 -18.66 -5.29
C GLU B 163 19.23 -18.43 -6.79
N ALA B 164 18.63 -19.33 -7.56
CA ALA B 164 18.66 -19.21 -9.01
C ALA B 164 18.00 -17.90 -9.45
N GLN B 165 16.91 -17.52 -8.78
CA GLN B 165 16.22 -16.28 -9.13
C GLN B 165 17.13 -15.07 -8.88
N LEU B 166 17.85 -15.09 -7.78
CA LEU B 166 18.75 -13.99 -7.44
C LEU B 166 19.93 -13.90 -8.39
N MSE B 167 20.38 -15.04 -8.90
CA MSE B 167 21.48 -15.06 -9.86
C MSE B 167 21.03 -14.45 -11.17
O MSE B 167 21.78 -13.71 -11.81
CB MSE B 167 21.96 -16.50 -10.08
CG MSE B 167 22.93 -16.99 -9.02
SE MSE B 167 24.59 -15.98 -9.09
CE MSE B 167 25.59 -17.15 -10.27
N GLU B 168 19.80 -14.74 -11.57
CA GLU B 168 19.27 -14.20 -12.81
C GLU B 168 19.20 -12.69 -12.71
N ALA B 169 18.82 -12.17 -11.54
CA ALA B 169 18.76 -10.72 -11.34
C ALA B 169 20.16 -10.12 -11.50
N THR B 170 21.15 -10.81 -10.94
CA THR B 170 22.54 -10.39 -10.99
C THR B 170 23.03 -10.27 -12.43
N TYR B 171 22.73 -11.28 -13.24
CA TYR B 171 23.15 -11.27 -14.64
C TYR B 171 22.58 -10.04 -15.35
N LYS B 172 21.30 -9.76 -15.11
CA LYS B 172 20.66 -8.60 -15.72
C LYS B 172 21.42 -7.34 -15.30
N ILE B 173 21.70 -7.25 -14.00
CA ILE B 173 22.41 -6.10 -13.48
C ILE B 173 23.81 -6.00 -14.07
N GLU B 174 24.52 -7.12 -14.15
CA GLU B 174 25.86 -7.11 -14.71
C GLU B 174 25.87 -6.65 -16.17
N ASP B 175 24.83 -6.99 -16.94
CA ASP B 175 24.80 -6.55 -18.33
C ASP B 175 24.73 -5.03 -18.40
N VAL B 176 24.12 -4.42 -17.39
CA VAL B 176 24.02 -2.96 -17.35
C VAL B 176 25.40 -2.40 -16.99
N LEU B 177 26.02 -2.95 -15.96
CA LEU B 177 27.34 -2.50 -15.53
C LEU B 177 28.37 -2.63 -16.65
N GLU B 178 28.23 -3.71 -17.44
CA GLU B 178 29.13 -3.97 -18.57
C GLU B 178 28.83 -3.07 -19.75
N GLY B 179 27.70 -2.37 -19.71
CA GLY B 179 27.33 -1.47 -20.79
C GLY B 179 26.67 -2.16 -21.97
N LYS B 180 26.14 -3.36 -21.77
CA LYS B 180 25.48 -4.08 -22.84
C LYS B 180 24.05 -3.57 -23.05
N ILE B 181 23.35 -3.31 -21.95
CA ILE B 181 21.98 -2.83 -22.01
C ILE B 181 21.92 -1.31 -21.85
N LYS B 182 21.24 -0.66 -22.79
CA LYS B 182 21.10 0.78 -22.78
C LYS B 182 19.65 1.15 -22.46
N TYR B 183 19.46 2.30 -21.81
CA TYR B 183 18.13 2.77 -21.44
C TYR B 183 17.21 2.93 -22.65
N LYS B 184 16.00 2.36 -22.55
CA LYS B 184 15.00 2.44 -23.60
C LYS B 184 13.62 2.49 -22.96
N THR B 185 12.79 3.45 -23.38
CA THR B 185 11.46 3.61 -22.83
C THR B 185 10.50 2.58 -23.44
N THR B 186 9.36 2.40 -22.78
CA THR B 186 8.33 1.46 -23.24
C THR B 186 7.14 2.24 -23.74
N ASP B 187 6.25 1.58 -24.46
CA ASP B 187 5.06 2.24 -24.98
C ASP B 187 4.25 2.79 -23.81
N TYR B 188 4.26 2.05 -22.70
CA TYR B 188 3.53 2.47 -21.50
C TYR B 188 4.02 3.84 -21.04
N GLN B 189 5.33 4.02 -21.07
CA GLN B 189 5.94 5.28 -20.64
C GLN B 189 5.75 6.40 -21.67
N GLU B 190 5.80 6.06 -22.96
CA GLU B 190 5.63 7.07 -23.99
C GLU B 190 4.20 7.61 -23.95
N ARG B 191 3.23 6.74 -23.71
CA ARG B 191 1.85 7.16 -23.61
C ARG B 191 1.68 8.04 -22.37
N ALA B 192 2.27 7.63 -21.25
CA ALA B 192 2.17 8.43 -20.03
C ALA B 192 2.76 9.83 -20.26
N TYR B 193 3.89 9.88 -20.97
CA TYR B 193 4.58 11.13 -21.28
C TYR B 193 3.67 12.05 -22.11
N GLN B 194 3.18 11.53 -23.23
CA GLN B 194 2.30 12.30 -24.11
C GLN B 194 1.02 12.73 -23.39
N THR B 195 0.52 11.87 -22.51
CA THR B 195 -0.69 12.18 -21.76
C THR B 195 -0.46 13.31 -20.75
N LEU B 196 0.65 13.20 -20.01
CA LEU B 196 0.98 14.23 -19.03
C LEU B 196 1.23 15.59 -19.68
N LYS B 197 1.94 15.59 -20.80
CA LYS B 197 2.24 16.84 -21.49
C LYS B 197 0.98 17.64 -21.79
N LEU B 198 0.00 16.98 -22.40
CA LEU B 198 -1.27 17.63 -22.73
C LEU B 198 -1.90 18.27 -21.50
N ILE B 199 -1.77 17.60 -20.36
CA ILE B 199 -2.33 18.11 -19.11
C ILE B 199 -1.56 19.30 -18.58
N LEU B 200 -0.25 19.15 -18.46
CA LEU B 200 0.61 20.22 -17.94
C LEU B 200 0.72 21.40 -18.89
N GLU B 201 0.08 21.29 -20.04
CA GLU B 201 0.12 22.36 -21.03
C GLU B 201 -0.88 23.46 -20.70
N ASN B 202 -1.98 23.09 -20.07
CA ASN B 202 -3.01 24.06 -19.71
C ASN B 202 -2.86 24.58 -18.29
N TYR B 203 -1.84 24.09 -17.59
CA TYR B 203 -1.57 24.50 -16.22
C TYR B 203 -1.04 25.92 -16.16
N ASP B 204 -1.25 26.58 -15.03
CA ASP B 204 -0.79 27.94 -14.83
C ASP B 204 0.73 28.02 -15.00
N SER B 205 1.20 29.15 -15.51
CA SER B 205 2.62 29.36 -15.73
C SER B 205 3.43 29.32 -14.45
N GLU B 206 2.76 29.47 -13.31
CA GLU B 206 3.44 29.46 -12.02
C GLU B 206 3.42 28.07 -11.39
N HIS B 207 2.80 27.12 -12.08
CA HIS B 207 2.71 25.75 -11.56
C HIS B 207 4.08 25.11 -11.58
N PHE B 208 4.54 24.67 -10.40
CA PHE B 208 5.84 24.04 -10.26
C PHE B 208 6.15 22.95 -11.29
N GLU B 209 5.23 22.02 -11.48
CA GLU B 209 5.44 20.93 -12.43
C GLU B 209 5.60 21.44 -13.86
N LYS B 210 4.82 22.45 -14.22
CA LYS B 210 4.89 23.02 -15.55
C LYS B 210 6.23 23.75 -15.73
N MSE B 211 6.62 24.55 -14.74
CA MSE B 211 7.87 25.28 -14.82
C MSE B 211 9.04 24.29 -14.88
O MSE B 211 10.06 24.56 -15.53
CB MSE B 211 8.04 26.21 -13.61
CG MSE B 211 6.94 27.26 -13.46
SE MSE B 211 7.28 28.61 -12.08
CE MSE B 211 7.16 27.47 -10.52
N TYR B 212 8.90 23.15 -14.20
CA TYR B 212 9.95 22.13 -14.21
C TYR B 212 10.11 21.54 -15.61
N TRP B 213 8.99 21.25 -16.26
CA TRP B 213 9.01 20.68 -17.61
C TRP B 213 9.62 21.70 -18.59
N GLU B 214 9.30 22.97 -18.39
CA GLU B 214 9.83 24.02 -19.26
C GLU B 214 11.34 24.10 -19.11
N LYS B 215 11.80 24.23 -17.87
CA LYS B 215 13.23 24.31 -17.60
C LYS B 215 13.98 23.08 -18.06
N LYS B 216 13.34 21.91 -17.93
CA LYS B 216 13.98 20.66 -18.35
C LYS B 216 13.76 20.37 -19.83
N ARG B 217 13.00 21.23 -20.50
CA ARG B 217 12.74 21.06 -21.92
C ARG B 217 11.94 19.79 -22.23
N LEU B 218 11.06 19.41 -21.31
CA LEU B 218 10.24 18.22 -21.49
C LEU B 218 9.12 18.48 -22.50
N PHE B 219 8.87 19.76 -22.77
CA PHE B 219 7.84 20.15 -23.73
C PHE B 219 8.35 20.14 -25.17
N GLU B 220 9.58 20.60 -25.37
CA GLU B 220 10.17 20.64 -26.70
C GLU B 220 10.77 19.30 -27.08
N ALA B 221 9.95 18.26 -27.10
CA ALA B 221 10.43 16.93 -27.46
C ALA B 221 9.31 16.12 -28.09
N ASN B 222 9.66 15.21 -28.99
CA ASN B 222 8.69 14.38 -29.69
C ASN B 222 8.34 13.11 -28.91
N SER B 223 9.25 12.69 -28.04
CA SER B 223 9.03 11.49 -27.23
C SER B 223 9.87 11.55 -25.96
N LEU B 224 9.57 10.67 -25.02
CA LEU B 224 10.31 10.63 -23.75
C LEU B 224 11.73 10.16 -23.96
N GLU B 225 11.92 9.14 -24.80
CA GLU B 225 13.25 8.61 -25.06
C GLU B 225 14.11 9.63 -25.80
N GLU B 226 13.51 10.35 -26.73
CA GLU B 226 14.23 11.36 -27.48
C GLU B 226 14.68 12.42 -26.47
N TRP B 227 13.76 12.89 -25.65
CA TRP B 227 14.06 13.87 -24.63
C TRP B 227 15.29 13.48 -23.82
N TYR B 228 15.29 12.25 -23.32
CA TYR B 228 16.40 11.74 -22.51
C TYR B 228 17.75 11.81 -23.20
N TYR B 229 17.88 11.16 -24.35
CA TYR B 229 19.14 11.13 -25.08
C TYR B 229 19.56 12.46 -25.69
N VAL B 230 18.62 13.40 -25.81
CA VAL B 230 18.93 14.70 -26.37
C VAL B 230 19.30 15.69 -25.26
N GLU B 231 18.35 15.96 -24.35
CA GLU B 231 18.61 16.88 -23.24
C GLU B 231 19.46 16.23 -22.15
N1 FMN C . -4.57 11.76 -6.84
C2 FMN C . -5.00 10.88 -7.80
O2 FMN C . -6.02 11.07 -8.43
N3 FMN C . -4.16 9.74 -8.00
C4 FMN C . -2.92 9.45 -7.34
O4 FMN C . -2.22 8.49 -7.61
C4A FMN C . -2.49 10.43 -6.43
N5 FMN C . -1.29 10.45 -5.72
C5A FMN C . -0.80 11.30 -4.74
C6 FMN C . 0.51 11.06 -4.08
C7 FMN C . 0.97 12.01 -3.03
C7M FMN C . 2.33 11.72 -2.38
C8 FMN C . 0.07 13.18 -2.65
C8M FMN C . 0.41 14.20 -1.53
C9 FMN C . -1.24 13.29 -3.28
C9A FMN C . -1.70 12.38 -4.35
N10 FMN C . -2.89 12.48 -5.17
C10 FMN C . -3.36 11.59 -6.20
C1' FMN C . -3.86 13.64 -4.85
C2' FMN C . -4.79 13.22 -3.69
O2' FMN C . -5.52 12.02 -4.04
C3' FMN C . -5.78 14.33 -3.33
O3' FMN C . -5.09 15.42 -2.73
C4' FMN C . -6.92 13.89 -2.32
O4' FMN C . -7.57 15.02 -1.71
C5' FMN C . -6.44 13.01 -1.16
O5' FMN C . -5.39 13.55 -0.42
P FMN C . -5.64 14.40 0.86
O1P FMN C . -6.27 15.65 0.45
O2P FMN C . -6.48 13.59 1.74
O3P FMN C . -4.31 14.55 1.37
C1 EDO D . -2.12 -2.34 -5.04
O1 EDO D . -2.96 -1.58 -5.90
C2 EDO D . -2.44 -3.83 -4.89
O2 EDO D . -3.77 -4.21 -5.26
N1 FMN E . 2.34 -13.94 2.61
C2 FMN E . 1.63 -14.18 1.47
O2 FMN E . 1.91 -15.09 0.69
N3 FMN E . 0.53 -13.27 1.24
C4 FMN E . 0.10 -12.19 2.10
O4 FMN E . -0.82 -11.46 1.77
C4A FMN E . 0.78 -12.08 3.31
N5 FMN E . 0.52 -11.17 4.31
C5A FMN E . 1.16 -10.91 5.51
C6 FMN E . 0.60 -9.96 6.55
C7 FMN E . 1.45 -9.65 7.73
C7M FMN E . 0.95 -8.52 8.63
C8 FMN E . 2.72 -10.45 7.96
C8M FMN E . 3.62 -10.08 9.17
C9 FMN E . 3.11 -11.45 6.99
C9A FMN E . 2.34 -11.74 5.78
N10 FMN E . 2.65 -12.71 4.74
C10 FMN E . 1.94 -12.97 3.52
C1' FMN E . 3.89 -13.59 4.94
C2' FMN E . 5.13 -12.89 4.32
O2' FMN E . 4.93 -12.64 2.91
C3' FMN E . 6.42 -13.71 4.51
O3' FMN E . 6.77 -13.75 5.89
C4' FMN E . 7.66 -13.14 3.72
O4' FMN E . 8.91 -13.71 4.18
C5' FMN E . 7.85 -11.61 3.84
O5' FMN E . 7.87 -11.11 5.12
P FMN E . 9.20 -10.87 5.91
O1P FMN E . 9.79 -12.18 6.15
O2P FMN E . 10.03 -10.02 5.06
O3P FMN E . 8.76 -10.20 7.08
#